data_1PMI
#
_entry.id   1PMI
#
_cell.length_a   124.830
_cell.length_b   52.920
_cell.length_c   85.730
_cell.angle_alpha   90.00
_cell.angle_beta   127.54
_cell.angle_gamma   90.00
#
_symmetry.space_group_name_H-M   'C 1 2 1'
#
loop_
_entity.id
_entity.type
_entity.pdbx_description
1 polymer 'PHOSPHOMANNOSE ISOMERASE'
2 non-polymer 'ZINC ION'
3 water water
#
_entity_poly.entity_id   1
_entity_poly.type   'polypeptide(L)'
_entity_poly.pdbx_seq_one_letter_code
;SSEKLFRIQCGYQNYDWGKIGSSSAVAQFVHNSDPSITIDETKPYAELWMGTHPSVPSKAIDLNNQTLRDLVTAKPQEYL
GESIITKFGSSKELPFLFKVLSIEKVLSIQAHPDKKLGAQLHAADPKNYPDDNHKPEMAIAVTDFEGFCGFKPLDQLAKT
LATVPELNEIIGQELVDEFISGIKLPAEVGSQDDVNNRKLLQKVFGKLMNTDDDVIKQQTAKLLERTDREPQVFKDIDSR
LPELIQRLNKQFPNDIGLFCGCLLLNHVGLNKGEAMFLQAKDPHAYISGDIIECMAASDNVVRAGFTPKFKDVKNLVEML
TYSYESVEKQKMPLQEFPRSKGDAVKSVLYDPPIAEFSVLQTIFDKSKGGKQVIEGLNGPSIVIATNGKGTIQITGDDST
KQKIDTGYVFFVAPGSSIELTADSANQDQDFTTYRAFVEA
;
_entity_poly.pdbx_strand_id   A
#
# COMPACT_ATOMS: atom_id res chain seq x y z
N SER A 1 6.43 -34.40 2.11
CA SER A 1 6.22 -32.93 2.25
C SER A 1 7.50 -32.29 2.76
N SER A 2 7.77 -31.07 2.26
CA SER A 2 8.93 -30.30 2.73
C SER A 2 8.39 -29.24 3.75
N GLU A 3 9.31 -28.97 4.63
CA GLU A 3 9.27 -28.05 5.72
C GLU A 3 10.10 -26.81 5.45
N LYS A 4 10.71 -26.76 4.29
CA LYS A 4 11.51 -25.70 3.74
C LYS A 4 10.76 -24.82 2.74
N LEU A 5 9.91 -25.40 1.97
CA LEU A 5 9.07 -24.88 0.94
C LEU A 5 7.71 -25.60 1.07
N PHE A 6 6.71 -24.78 1.44
CA PHE A 6 5.39 -25.39 1.64
C PHE A 6 4.31 -24.36 1.40
N ARG A 7 3.17 -24.89 0.94
CA ARG A 7 2.00 -24.09 0.63
C ARG A 7 1.18 -23.69 1.85
N ILE A 8 0.68 -22.44 1.86
CA ILE A 8 -0.18 -21.98 2.96
C ILE A 8 -1.52 -21.46 2.38
N GLN A 9 -2.56 -21.83 3.14
CA GLN A 9 -3.95 -21.43 2.80
C GLN A 9 -4.22 -20.26 3.73
N CYS A 10 -4.47 -19.09 3.18
CA CYS A 10 -4.53 -17.87 3.94
C CYS A 10 -5.94 -17.35 4.15
N GLY A 11 -6.14 -16.74 5.31
CA GLY A 11 -7.51 -16.18 5.61
C GLY A 11 -7.67 -14.81 4.99
N TYR A 12 -8.94 -14.38 4.97
CA TYR A 12 -9.33 -13.12 4.36
C TYR A 12 -10.35 -12.38 5.21
N GLN A 13 -10.51 -11.12 4.89
CA GLN A 13 -11.44 -10.19 5.60
C GLN A 13 -12.49 -9.74 4.61
N ASN A 14 -13.71 -9.56 5.09
CA ASN A 14 -14.83 -9.15 4.20
C ASN A 14 -15.31 -7.74 4.58
N TYR A 15 -14.41 -6.82 4.73
CA TYR A 15 -14.68 -5.40 5.00
C TYR A 15 -15.56 -4.81 3.91
N ASP A 16 -16.44 -3.90 4.28
CA ASP A 16 -17.46 -3.38 3.35
C ASP A 16 -16.87 -2.59 2.20
N TRP A 17 -15.65 -2.14 2.22
CA TRP A 17 -15.03 -1.42 1.08
C TRP A 17 -14.43 -2.38 0.02
N GLY A 18 -14.43 -3.67 0.24
CA GLY A 18 -13.87 -4.63 -0.68
C GLY A 18 -14.64 -4.78 -1.97
N LYS A 19 -13.92 -5.32 -3.00
CA LYS A 19 -14.64 -5.60 -4.28
C LYS A 19 -15.59 -6.71 -4.00
N ILE A 20 -16.74 -6.70 -4.69
CA ILE A 20 -17.79 -7.70 -4.35
C ILE A 20 -17.57 -8.99 -5.13
N GLY A 21 -17.70 -10.07 -4.38
CA GLY A 21 -17.58 -11.43 -4.85
C GLY A 21 -16.37 -11.67 -5.74
N SER A 22 -16.59 -12.43 -6.82
CA SER A 22 -15.55 -12.83 -7.76
C SER A 22 -14.97 -11.74 -8.57
N SER A 23 -15.40 -10.49 -8.40
CA SER A 23 -14.73 -9.36 -9.13
C SER A 23 -13.43 -8.98 -8.39
N SER A 24 -13.35 -9.45 -7.17
CA SER A 24 -12.25 -9.23 -6.26
C SER A 24 -11.08 -10.13 -6.48
N ALA A 25 -9.85 -9.62 -6.56
CA ALA A 25 -8.68 -10.59 -6.67
C ALA A 25 -8.60 -11.48 -5.46
N VAL A 26 -8.94 -10.93 -4.29
CA VAL A 26 -8.91 -11.71 -3.04
C VAL A 26 -9.75 -12.98 -3.23
N ALA A 27 -11.00 -12.76 -3.69
CA ALA A 27 -11.93 -13.85 -3.97
C ALA A 27 -11.35 -14.86 -4.95
N GLN A 28 -10.84 -14.35 -6.04
CA GLN A 28 -10.21 -15.17 -7.12
C GLN A 28 -9.09 -16.07 -6.59
N PHE A 29 -8.21 -15.41 -5.84
CA PHE A 29 -7.04 -16.07 -5.21
C PHE A 29 -7.47 -17.13 -4.22
N VAL A 30 -8.37 -16.76 -3.31
CA VAL A 30 -8.87 -17.66 -2.27
C VAL A 30 -9.43 -18.97 -2.88
N HIS A 31 -10.27 -18.73 -3.86
CA HIS A 31 -11.01 -19.70 -4.59
C HIS A 31 -10.10 -20.66 -5.33
N ASN A 32 -9.16 -20.06 -6.06
CA ASN A 32 -8.21 -20.87 -6.88
C ASN A 32 -7.36 -21.74 -5.96
N SER A 33 -6.93 -21.18 -4.84
CA SER A 33 -6.12 -21.86 -3.86
C SER A 33 -6.92 -22.95 -3.16
N ASP A 34 -8.20 -22.74 -2.95
CA ASP A 34 -9.05 -23.74 -2.28
C ASP A 34 -10.48 -23.61 -2.84
N PRO A 35 -10.71 -24.33 -3.92
CA PRO A 35 -11.99 -24.27 -4.65
C PRO A 35 -13.10 -24.87 -3.81
N SER A 36 -12.64 -25.44 -2.73
CA SER A 36 -13.50 -26.01 -1.67
C SER A 36 -14.39 -24.87 -1.16
N ILE A 37 -13.81 -23.69 -1.13
CA ILE A 37 -14.43 -22.45 -0.69
C ILE A 37 -15.29 -21.83 -1.79
N THR A 38 -16.59 -21.74 -1.49
CA THR A 38 -17.55 -21.17 -2.44
C THR A 38 -17.69 -19.65 -2.13
N ILE A 39 -17.39 -18.93 -3.18
CA ILE A 39 -17.38 -17.44 -3.09
C ILE A 39 -18.83 -16.97 -3.10
N ASP A 40 -19.11 -16.10 -2.13
CA ASP A 40 -20.43 -15.45 -1.97
C ASP A 40 -20.45 -14.22 -2.87
N GLU A 41 -21.07 -14.36 -4.02
CA GLU A 41 -21.12 -13.30 -5.02
C GLU A 41 -21.70 -12.01 -4.55
N THR A 42 -22.25 -11.98 -3.37
CA THR A 42 -22.89 -10.90 -2.68
C THR A 42 -22.07 -10.08 -1.73
N LYS A 43 -20.99 -10.68 -1.27
CA LYS A 43 -20.15 -10.07 -0.21
C LYS A 43 -18.87 -9.48 -0.73
N PRO A 44 -18.35 -8.48 -0.04
CA PRO A 44 -17.02 -7.91 -0.31
C PRO A 44 -15.91 -8.82 0.18
N TYR A 45 -14.89 -8.98 -0.67
CA TYR A 45 -13.65 -9.73 -0.24
C TYR A 45 -12.57 -8.65 -0.29
N ALA A 46 -12.24 -8.11 0.88
CA ALA A 46 -11.38 -6.94 0.98
C ALA A 46 -9.88 -7.27 1.04
N GLU A 47 -9.50 -8.14 1.91
CA GLU A 47 -8.07 -8.46 2.16
C GLU A 47 -7.77 -9.94 2.33
N LEU A 48 -6.61 -10.32 1.78
CA LEU A 48 -6.03 -11.67 1.95
C LEU A 48 -4.78 -11.49 2.83
N TRP A 49 -4.75 -12.09 4.00
CA TRP A 49 -3.60 -11.94 4.89
C TRP A 49 -2.60 -13.16 4.78
N MET A 50 -1.34 -12.77 4.63
CA MET A 50 -0.25 -13.81 4.52
C MET A 50 0.83 -13.55 5.55
N GLY A 51 0.93 -14.47 6.54
CA GLY A 51 1.98 -14.26 7.59
C GLY A 51 1.64 -14.92 8.92
N THR A 52 2.06 -14.24 9.97
CA THR A 52 1.93 -14.76 11.35
C THR A 52 1.08 -13.90 12.26
N HIS A 53 0.10 -13.21 11.70
CA HIS A 53 -0.84 -12.39 12.43
C HIS A 53 -1.78 -13.33 13.18
N PRO A 54 -1.90 -13.09 14.48
CA PRO A 54 -2.71 -13.95 15.37
C PRO A 54 -4.17 -14.00 15.01
N SER A 55 -4.67 -12.88 14.49
CA SER A 55 -6.08 -12.74 14.10
C SER A 55 -6.46 -13.51 12.86
N VAL A 56 -5.56 -13.64 11.89
CA VAL A 56 -5.91 -14.32 10.63
C VAL A 56 -4.76 -15.22 10.22
N PRO A 57 -4.84 -16.47 10.61
CA PRO A 57 -3.82 -17.48 10.38
C PRO A 57 -3.81 -18.03 8.96
N SER A 58 -2.58 -18.31 8.59
CA SER A 58 -2.17 -18.97 7.35
C SER A 58 -1.83 -20.42 7.79
N LYS A 59 -2.53 -21.36 7.21
CA LYS A 59 -2.34 -22.78 7.59
C LYS A 59 -1.59 -23.57 6.56
N ALA A 60 -0.60 -24.28 7.06
CA ALA A 60 0.27 -25.20 6.33
C ALA A 60 -0.52 -26.47 6.01
N ILE A 61 -1.11 -26.44 4.81
CA ILE A 61 -2.01 -27.50 4.38
C ILE A 61 -1.31 -28.87 4.36
N ASP A 62 -0.05 -28.86 3.99
CA ASP A 62 0.67 -30.16 3.89
C ASP A 62 1.34 -30.48 5.21
N LEU A 63 1.46 -29.50 6.08
CA LEU A 63 2.12 -29.74 7.39
C LEU A 63 1.04 -29.84 8.46
N ASN A 64 0.04 -30.65 8.11
CA ASN A 64 -0.98 -30.99 9.12
C ASN A 64 -1.87 -29.85 9.45
N ASN A 65 -2.02 -28.90 8.51
CA ASN A 65 -2.90 -27.74 8.73
C ASN A 65 -2.44 -26.83 9.86
N GLN A 66 -1.20 -27.00 10.25
CA GLN A 66 -0.60 -26.16 11.27
C GLN A 66 -0.52 -24.70 10.76
N THR A 67 -0.52 -23.83 11.71
CA THR A 67 -0.40 -22.38 11.57
C THR A 67 1.02 -22.00 11.37
N LEU A 68 1.30 -21.06 10.46
CA LEU A 68 2.65 -20.54 10.26
C LEU A 68 3.21 -19.94 11.56
N ARG A 69 2.37 -19.22 12.28
CA ARG A 69 2.79 -18.60 13.57
C ARG A 69 3.25 -19.75 14.49
N ASP A 70 2.44 -20.80 14.46
CA ASP A 70 2.78 -21.96 15.29
C ASP A 70 4.11 -22.58 14.87
N LEU A 71 4.32 -22.89 13.63
CA LEU A 71 5.55 -23.47 13.10
C LEU A 71 6.78 -22.68 13.42
N VAL A 72 6.63 -21.36 13.26
CA VAL A 72 7.70 -20.43 13.53
C VAL A 72 8.11 -20.46 15.02
N THR A 73 7.07 -20.43 15.83
CA THR A 73 7.17 -20.35 17.28
C THR A 73 7.92 -21.61 17.78
N ALA A 74 7.43 -22.68 17.19
CA ALA A 74 7.98 -24.01 17.41
C ALA A 74 9.42 -24.13 16.95
N LYS A 75 9.82 -23.48 15.87
CA LYS A 75 11.18 -23.54 15.34
C LYS A 75 11.72 -22.26 14.76
N PRO A 76 11.94 -21.24 15.58
CA PRO A 76 12.40 -19.93 15.16
C PRO A 76 13.71 -19.83 14.42
N GLN A 77 14.72 -20.57 14.84
CA GLN A 77 16.05 -20.47 14.19
C GLN A 77 16.00 -21.02 12.77
N GLU A 78 15.11 -21.93 12.54
CA GLU A 78 14.91 -22.62 11.27
C GLU A 78 14.04 -21.80 10.34
N TYR A 79 13.01 -21.19 10.93
CA TYR A 79 12.02 -20.39 10.19
C TYR A 79 12.34 -18.94 10.09
N LEU A 80 12.97 -18.35 11.11
CA LEU A 80 13.31 -16.94 11.12
C LEU A 80 14.81 -16.77 10.85
N GLY A 81 15.54 -17.57 11.62
CA GLY A 81 17.01 -17.44 11.59
C GLY A 81 17.38 -16.43 12.71
N GLU A 82 18.54 -16.75 13.29
CA GLU A 82 19.24 -16.01 14.30
C GLU A 82 19.22 -14.52 14.21
N SER A 83 19.73 -14.05 13.08
CA SER A 83 19.92 -12.68 12.73
C SER A 83 18.57 -11.94 12.78
N ILE A 84 17.54 -12.71 12.43
CA ILE A 84 16.19 -12.06 12.42
C ILE A 84 15.61 -11.96 13.82
N ILE A 85 15.70 -13.05 14.56
CA ILE A 85 15.27 -13.11 15.95
C ILE A 85 15.90 -11.93 16.71
N THR A 86 17.21 -11.82 16.53
CA THR A 86 17.99 -10.81 17.20
C THR A 86 17.56 -9.40 16.83
N LYS A 87 17.52 -9.19 15.50
CA LYS A 87 17.26 -7.86 14.98
C LYS A 87 15.90 -7.31 15.37
N PHE A 88 14.90 -8.13 15.25
CA PHE A 88 13.50 -7.63 15.50
C PHE A 88 13.01 -7.97 16.86
N GLY A 89 13.73 -8.83 17.61
CA GLY A 89 13.33 -9.21 18.97
C GLY A 89 12.17 -10.14 19.10
N SER A 90 11.73 -10.84 18.08
CA SER A 90 10.66 -11.84 18.24
C SER A 90 11.15 -13.22 17.75
N SER A 91 10.52 -14.24 18.29
CA SER A 91 10.71 -15.64 17.98
C SER A 91 9.39 -16.29 17.62
N LYS A 92 8.36 -15.46 17.62
CA LYS A 92 7.01 -15.98 17.34
C LYS A 92 6.52 -15.62 15.98
N GLU A 93 7.05 -14.52 15.41
CA GLU A 93 6.48 -14.04 14.13
C GLU A 93 7.38 -13.25 13.25
N LEU A 94 6.83 -13.02 12.03
CA LEU A 94 7.50 -12.23 10.97
C LEU A 94 7.45 -10.78 11.34
N PRO A 95 8.45 -10.01 10.93
CA PRO A 95 8.46 -8.55 11.12
C PRO A 95 7.60 -7.78 10.14
N PHE A 96 6.98 -8.42 9.18
CA PHE A 96 6.11 -7.70 8.20
C PHE A 96 4.81 -8.48 8.11
N LEU A 97 3.79 -7.82 7.58
CA LEU A 97 2.49 -8.34 7.26
C LEU A 97 2.37 -8.17 5.70
N PHE A 98 1.92 -9.20 5.06
CA PHE A 98 1.84 -9.23 3.57
C PHE A 98 0.40 -9.56 3.21
N LYS A 99 -0.17 -8.68 2.37
CA LYS A 99 -1.56 -8.79 2.00
C LYS A 99 -1.85 -8.60 0.53
N VAL A 100 -3.06 -9.01 0.17
CA VAL A 100 -3.64 -8.61 -1.13
C VAL A 100 -4.88 -7.72 -0.72
N LEU A 101 -4.96 -6.57 -1.32
CA LEU A 101 -6.17 -5.68 -1.10
C LEU A 101 -6.95 -5.57 -2.38
N SER A 102 -8.28 -5.58 -2.24
CA SER A 102 -9.20 -5.47 -3.38
C SER A 102 -10.19 -4.33 -3.02
N ILE A 103 -9.87 -3.17 -3.47
CA ILE A 103 -10.52 -1.90 -3.09
C ILE A 103 -11.59 -1.43 -4.07
N GLU A 104 -12.81 -1.37 -3.55
CA GLU A 104 -13.98 -0.88 -4.22
C GLU A 104 -14.25 0.59 -3.87
N LYS A 105 -14.19 0.83 -2.56
CA LYS A 105 -14.44 2.21 -2.02
C LYS A 105 -13.23 2.80 -1.38
N VAL A 106 -13.05 4.10 -1.46
CA VAL A 106 -11.88 4.79 -0.92
C VAL A 106 -11.71 4.54 0.58
N LEU A 107 -10.43 4.36 0.98
CA LEU A 107 -10.11 4.17 2.39
C LEU A 107 -9.76 5.54 2.96
N SER A 108 -9.46 5.59 4.24
CA SER A 108 -9.21 6.89 4.86
C SER A 108 -7.93 7.54 4.38
N ILE A 109 -8.03 8.89 4.32
CA ILE A 109 -6.84 9.71 4.12
C ILE A 109 -6.04 9.60 5.42
N GLN A 110 -4.78 9.20 5.35
CA GLN A 110 -4.04 8.88 6.61
C GLN A 110 -2.58 9.12 6.47
N ALA A 111 -1.94 9.18 7.64
CA ALA A 111 -0.46 9.29 7.74
C ALA A 111 -0.06 8.49 9.00
N HIS A 112 1.21 8.04 8.97
CA HIS A 112 1.76 7.20 10.05
C HIS A 112 2.99 7.89 10.62
N PRO A 113 3.14 7.82 11.93
CA PRO A 113 4.29 8.33 12.62
C PRO A 113 5.57 7.54 12.32
N ASP A 114 6.68 8.17 12.57
CA ASP A 114 8.02 7.51 12.57
C ASP A 114 8.11 6.87 13.97
N LYS A 115 9.23 6.23 14.28
CA LYS A 115 9.30 5.55 15.61
C LYS A 115 9.26 6.56 16.73
N LYS A 116 9.95 7.67 16.52
CA LYS A 116 10.02 8.70 17.58
C LYS A 116 8.63 9.24 17.91
N LEU A 117 7.84 9.56 16.94
CA LEU A 117 6.47 10.07 17.22
C LEU A 117 5.59 8.95 17.72
N GLY A 118 5.76 7.78 17.13
CA GLY A 118 4.98 6.58 17.51
C GLY A 118 5.07 6.36 19.03
N ALA A 119 6.27 6.46 19.57
CA ALA A 119 6.43 6.26 21.06
C ALA A 119 5.78 7.34 21.86
N GLN A 120 5.90 8.56 21.31
CA GLN A 120 5.29 9.77 21.91
C GLN A 120 3.77 9.65 21.96
N LEU A 121 3.17 9.34 20.82
CA LEU A 121 1.72 9.20 20.70
C LEU A 121 1.20 8.11 21.64
N HIS A 122 1.94 6.99 21.64
CA HIS A 122 1.54 5.82 22.40
C HIS A 122 1.50 6.12 23.90
N ALA A 123 2.53 6.83 24.36
CA ALA A 123 2.62 7.25 25.76
C ALA A 123 1.49 8.24 26.09
N ALA A 124 1.21 9.19 25.23
CA ALA A 124 0.13 10.17 25.47
C ALA A 124 -1.29 9.71 25.21
N ASP A 125 -1.54 8.92 24.20
CA ASP A 125 -2.88 8.48 23.81
C ASP A 125 -2.96 7.06 23.31
N PRO A 126 -2.81 6.15 24.29
CA PRO A 126 -2.87 4.71 24.11
C PRO A 126 -4.14 4.15 23.54
N LYS A 127 -5.24 4.82 23.68
CA LYS A 127 -6.58 4.51 23.20
C LYS A 127 -6.63 4.70 21.69
N ASN A 128 -5.90 5.72 21.23
CA ASN A 128 -5.82 5.95 19.78
C ASN A 128 -4.57 5.39 19.17
N TYR A 129 -3.54 5.26 19.96
CA TYR A 129 -2.19 4.79 19.48
C TYR A 129 -1.79 3.55 20.22
N PRO A 130 -2.16 2.43 19.60
CA PRO A 130 -2.06 1.10 20.18
C PRO A 130 -0.69 0.65 20.48
N ASP A 131 0.24 1.01 19.61
CA ASP A 131 1.64 0.60 19.77
C ASP A 131 2.49 1.88 19.68
N ASP A 132 3.73 1.65 19.81
CA ASP A 132 4.92 2.31 19.87
C ASP A 132 5.74 2.50 18.63
N ASN A 133 5.20 1.89 17.57
CA ASN A 133 5.95 1.75 16.33
C ASN A 133 5.59 2.70 15.20
N HIS A 134 6.54 2.60 14.21
CA HIS A 134 6.25 3.34 12.94
C HIS A 134 5.42 2.32 12.13
N LYS A 135 5.00 2.74 10.95
CA LYS A 135 4.20 1.83 10.10
C LYS A 135 4.43 2.08 8.60
N PRO A 136 5.62 1.74 8.14
CA PRO A 136 5.98 1.80 6.73
C PRO A 136 5.03 0.92 5.95
N GLU A 137 4.59 1.31 4.79
CA GLU A 137 3.71 0.50 3.93
C GLU A 137 4.21 0.57 2.49
N MET A 138 4.00 -0.45 1.68
CA MET A 138 4.39 -0.38 0.24
C MET A 138 3.24 -0.96 -0.53
N ALA A 139 2.82 -0.39 -1.62
CA ALA A 139 1.72 -0.85 -2.46
C ALA A 139 2.26 -1.20 -3.85
N ILE A 140 1.87 -2.31 -4.42
CA ILE A 140 2.24 -2.74 -5.77
C ILE A 140 0.96 -3.11 -6.53
N ALA A 141 0.77 -2.51 -7.68
CA ALA A 141 -0.50 -2.75 -8.43
C ALA A 141 -0.52 -4.15 -9.03
N VAL A 142 -1.58 -4.88 -8.72
CA VAL A 142 -1.91 -6.16 -9.33
C VAL A 142 -2.78 -5.93 -10.59
N THR A 143 -3.76 -5.01 -10.37
CA THR A 143 -4.61 -4.45 -11.37
C THR A 143 -4.42 -2.94 -11.28
N ASP A 144 -4.83 -2.21 -12.29
CA ASP A 144 -4.67 -0.73 -12.27
C ASP A 144 -5.29 -0.18 -10.96
N PHE A 145 -4.50 0.73 -10.41
CA PHE A 145 -4.79 1.30 -9.10
C PHE A 145 -4.77 2.80 -9.11
N GLU A 146 -5.54 3.38 -8.19
CA GLU A 146 -5.56 4.82 -7.95
C GLU A 146 -5.45 5.09 -6.46
N GLY A 147 -4.74 6.13 -6.12
CA GLY A 147 -4.65 6.53 -4.69
C GLY A 147 -4.25 8.02 -4.70
N PHE A 148 -4.21 8.55 -3.51
CA PHE A 148 -3.68 9.83 -3.14
C PHE A 148 -2.29 9.58 -2.49
N CYS A 149 -1.35 10.44 -2.81
CA CYS A 149 -0.03 10.30 -2.15
C CYS A 149 0.74 11.57 -2.21
N GLY A 150 0.87 12.23 -1.07
CA GLY A 150 1.63 13.46 -0.89
C GLY A 150 0.90 14.72 -1.39
N PHE A 151 1.42 15.83 -0.88
CA PHE A 151 0.90 17.15 -1.34
C PHE A 151 1.26 17.38 -2.80
N LYS A 152 0.39 18.03 -3.54
CA LYS A 152 0.73 18.42 -4.91
C LYS A 152 1.80 19.51 -4.92
N PRO A 153 2.56 19.54 -6.03
CA PRO A 153 3.50 20.63 -6.29
C PRO A 153 2.81 21.96 -5.98
N LEU A 154 3.50 22.86 -5.40
CA LEU A 154 3.01 24.15 -4.92
C LEU A 154 2.39 24.99 -6.00
N ASP A 155 2.96 24.90 -7.19
CA ASP A 155 2.38 25.68 -8.34
C ASP A 155 1.00 25.17 -8.63
N GLN A 156 0.78 23.88 -8.48
CA GLN A 156 -0.55 23.28 -8.71
C GLN A 156 -1.49 23.76 -7.61
N LEU A 157 -0.98 23.84 -6.41
CA LEU A 157 -1.79 24.31 -5.26
C LEU A 157 -2.13 25.80 -5.43
N ALA A 158 -1.17 26.59 -5.88
CA ALA A 158 -1.51 28.05 -6.12
C ALA A 158 -2.61 28.17 -7.15
N LYS A 159 -2.53 27.40 -8.22
CA LYS A 159 -3.58 27.43 -9.27
C LYS A 159 -4.92 27.04 -8.67
N THR A 160 -4.94 26.03 -7.83
CA THR A 160 -6.19 25.53 -7.21
C THR A 160 -6.81 26.60 -6.30
N LEU A 161 -6.00 27.16 -5.44
CA LEU A 161 -6.42 28.22 -4.52
C LEU A 161 -7.01 29.42 -5.27
N ALA A 162 -6.34 29.79 -6.34
CA ALA A 162 -6.81 31.03 -7.07
C ALA A 162 -8.10 30.75 -7.80
N THR A 163 -8.29 29.60 -8.33
CA THR A 163 -9.30 29.11 -9.20
C THR A 163 -10.49 28.43 -8.70
N VAL A 164 -10.46 27.89 -7.47
CA VAL A 164 -11.63 27.15 -6.91
C VAL A 164 -12.18 27.94 -5.72
N PRO A 165 -13.28 28.66 -6.02
CA PRO A 165 -13.86 29.61 -5.06
C PRO A 165 -14.12 29.02 -3.69
N GLU A 166 -14.68 27.82 -3.66
CA GLU A 166 -15.05 27.17 -2.39
C GLU A 166 -13.85 26.93 -1.52
N LEU A 167 -12.68 26.64 -2.12
CA LEU A 167 -11.45 26.41 -1.33
C LEU A 167 -10.90 27.77 -0.84
N ASN A 168 -10.85 28.67 -1.81
CA ASN A 168 -10.39 30.06 -1.59
C ASN A 168 -11.12 30.71 -0.40
N GLU A 169 -12.41 30.44 -0.41
CA GLU A 169 -13.35 30.85 0.62
C GLU A 169 -12.93 30.33 1.97
N ILE A 170 -12.70 29.04 2.08
CA ILE A 170 -12.31 28.43 3.35
C ILE A 170 -10.99 28.93 3.90
N ILE A 171 -9.99 29.01 3.03
CA ILE A 171 -8.66 29.46 3.39
C ILE A 171 -8.61 30.95 3.77
N GLY A 172 -9.30 31.78 3.01
CA GLY A 172 -9.24 33.25 3.34
C GLY A 172 -8.31 33.94 2.36
N GLN A 173 -8.79 35.12 1.91
CA GLN A 173 -8.01 35.85 0.85
C GLN A 173 -6.64 36.22 1.38
N GLU A 174 -6.54 36.63 2.64
CA GLU A 174 -5.22 37.01 3.19
C GLU A 174 -4.22 35.86 3.09
N LEU A 175 -4.68 34.70 3.51
CA LEU A 175 -3.85 33.47 3.53
C LEU A 175 -3.55 32.96 2.12
N VAL A 176 -4.59 33.03 1.28
CA VAL A 176 -4.37 32.58 -0.13
C VAL A 176 -3.19 33.36 -0.72
N ASP A 177 -3.38 34.66 -0.53
CA ASP A 177 -2.53 35.73 -0.93
C ASP A 177 -1.09 35.51 -0.60
N GLU A 178 -0.93 35.18 0.68
CA GLU A 178 0.33 35.01 1.36
C GLU A 178 1.10 33.82 0.86
N PHE A 179 0.30 32.79 0.55
CA PHE A 179 0.75 31.53 0.01
C PHE A 179 1.28 31.72 -1.40
N ILE A 180 0.40 32.30 -2.23
CA ILE A 180 0.69 32.50 -3.63
C ILE A 180 1.82 33.50 -3.84
N SER A 181 1.97 34.45 -2.96
CA SER A 181 3.02 35.44 -2.97
C SER A 181 4.32 34.86 -2.44
N GLY A 182 4.18 34.01 -1.44
CA GLY A 182 5.25 33.48 -0.64
C GLY A 182 6.13 32.41 -1.16
N ILE A 183 5.56 31.38 -1.75
CA ILE A 183 6.27 30.20 -2.26
C ILE A 183 7.37 30.59 -3.23
N LYS A 184 8.51 30.01 -3.01
CA LYS A 184 9.78 30.14 -3.74
C LYS A 184 9.95 28.77 -4.43
N LEU A 185 9.62 28.76 -5.74
CA LEU A 185 9.53 27.40 -6.30
C LEU A 185 10.82 26.79 -6.67
N PRO A 186 11.47 27.18 -7.72
CA PRO A 186 12.82 26.49 -7.97
C PRO A 186 13.50 26.69 -6.62
N ALA A 187 13.40 25.68 -5.82
CA ALA A 187 13.88 25.66 -4.42
C ALA A 187 14.15 24.21 -4.04
N GLU A 188 15.33 23.93 -3.53
CA GLU A 188 15.61 22.47 -3.23
C GLU A 188 15.66 22.21 -1.75
N VAL A 189 15.44 20.91 -1.46
CA VAL A 189 15.23 20.39 -0.13
C VAL A 189 16.26 20.92 0.87
N GLY A 190 15.73 21.37 2.00
CA GLY A 190 16.54 21.89 3.08
C GLY A 190 16.87 23.35 3.00
N SER A 191 16.71 23.95 1.85
CA SER A 191 16.95 25.40 1.65
C SER A 191 15.95 26.18 2.52
N GLN A 192 16.32 27.42 2.77
CA GLN A 192 15.42 28.33 3.54
C GLN A 192 14.14 28.57 2.75
N ASP A 193 14.23 28.54 1.42
CA ASP A 193 13.03 28.68 0.60
C ASP A 193 12.22 27.35 0.78
N ASP A 194 12.91 26.24 0.89
CA ASP A 194 12.15 24.96 1.04
C ASP A 194 11.38 24.97 2.36
N VAL A 195 12.10 25.33 3.41
CA VAL A 195 11.56 25.50 4.75
C VAL A 195 10.37 26.42 4.82
N ASN A 196 10.56 27.62 4.23
CA ASN A 196 9.48 28.64 4.29
C ASN A 196 8.30 28.19 3.41
N ASN A 197 8.57 27.49 2.33
CA ASN A 197 7.46 26.94 1.50
C ASN A 197 6.61 25.98 2.36
N ARG A 198 7.31 25.18 3.19
CA ARG A 198 6.50 24.19 4.00
C ARG A 198 5.72 24.85 5.08
N LYS A 199 6.27 25.95 5.63
CA LYS A 199 5.51 26.73 6.62
C LYS A 199 4.22 27.23 5.98
N LEU A 200 4.37 27.75 4.75
CA LEU A 200 3.17 28.27 4.03
C LEU A 200 2.18 27.14 3.79
N LEU A 201 2.66 25.96 3.42
CA LEU A 201 1.74 24.83 3.13
C LEU A 201 1.01 24.42 4.42
N GLN A 202 1.82 24.34 5.50
CA GLN A 202 1.29 23.97 6.83
C GLN A 202 0.19 24.95 7.25
N LYS A 203 0.34 26.25 6.99
CA LYS A 203 -0.69 27.22 7.40
C LYS A 203 -2.00 26.97 6.67
N VAL A 204 -1.77 26.67 5.35
CA VAL A 204 -2.97 26.49 4.49
C VAL A 204 -3.72 25.26 4.95
N PHE A 205 -2.89 24.20 5.20
CA PHE A 205 -3.51 22.89 5.55
C PHE A 205 -4.23 22.96 6.88
N GLY A 206 -3.57 23.60 7.81
CA GLY A 206 -4.11 23.76 9.20
C GLY A 206 -5.44 24.56 9.14
N LYS A 207 -5.45 25.59 8.31
CA LYS A 207 -6.70 26.40 8.19
C LYS A 207 -7.83 25.56 7.68
N LEU A 208 -7.52 24.70 6.68
CA LEU A 208 -8.57 23.83 6.13
C LEU A 208 -9.05 22.83 7.17
N MET A 209 -8.07 22.14 7.77
CA MET A 209 -8.40 21.06 8.70
C MET A 209 -9.07 21.54 9.96
N ASN A 210 -8.88 22.77 10.35
CA ASN A 210 -9.61 23.28 11.55
C ASN A 210 -10.95 23.84 11.23
N THR A 211 -11.42 23.90 10.02
CA THR A 211 -12.73 24.46 9.64
C THR A 211 -13.87 23.64 10.21
N ASP A 212 -14.94 24.36 10.65
CA ASP A 212 -16.08 23.63 11.24
C ASP A 212 -16.77 22.79 10.17
N ASP A 213 -17.31 21.69 10.69
CA ASP A 213 -18.07 20.72 9.98
C ASP A 213 -19.21 21.34 9.16
N ASP A 214 -19.91 22.25 9.83
CA ASP A 214 -21.08 22.87 9.15
C ASP A 214 -20.63 23.58 7.88
N VAL A 215 -19.55 24.33 8.05
CA VAL A 215 -18.96 25.05 6.90
C VAL A 215 -18.54 24.05 5.83
N ILE A 216 -17.87 22.98 6.28
CA ILE A 216 -17.42 21.97 5.29
C ILE A 216 -18.59 21.44 4.50
N LYS A 217 -19.68 21.15 5.21
CA LYS A 217 -20.88 20.61 4.61
C LYS A 217 -21.41 21.54 3.52
N GLN A 218 -21.42 22.82 3.84
CA GLN A 218 -21.93 23.87 2.94
C GLN A 218 -21.06 24.00 1.71
N GLN A 219 -19.77 24.10 1.98
CA GLN A 219 -18.76 24.33 0.92
C GLN A 219 -18.67 23.12 0.00
N THR A 220 -18.77 21.93 0.55
CA THR A 220 -18.74 20.72 -0.32
C THR A 220 -19.93 20.66 -1.25
N ALA A 221 -21.08 21.05 -0.78
CA ALA A 221 -22.30 21.10 -1.64
C ALA A 221 -22.06 22.03 -2.82
N LYS A 222 -21.52 23.19 -2.54
CA LYS A 222 -21.22 24.21 -3.58
C LYS A 222 -20.21 23.70 -4.56
N LEU A 223 -19.17 23.04 -4.01
CA LEU A 223 -18.11 22.44 -4.82
C LEU A 223 -18.71 21.47 -5.83
N LEU A 224 -19.53 20.55 -5.37
CA LEU A 224 -20.16 19.58 -6.29
C LEU A 224 -21.00 20.27 -7.35
N GLU A 225 -21.80 21.29 -6.99
CA GLU A 225 -22.58 21.98 -8.03
C GLU A 225 -21.62 22.52 -9.08
N ARG A 226 -20.47 23.06 -8.63
CA ARG A 226 -19.52 23.66 -9.57
C ARG A 226 -18.90 22.64 -10.51
N THR A 227 -18.64 21.42 -9.99
CA THR A 227 -18.03 20.36 -10.83
C THR A 227 -18.96 20.04 -12.01
N ASP A 228 -20.23 20.17 -11.68
CA ASP A 228 -21.34 19.95 -12.58
C ASP A 228 -21.54 21.10 -13.57
N ARG A 229 -21.62 22.30 -13.05
CA ARG A 229 -21.84 23.51 -13.82
C ARG A 229 -20.60 23.92 -14.58
N GLU A 230 -19.38 23.65 -14.07
CA GLU A 230 -18.17 24.16 -14.73
C GLU A 230 -16.99 23.20 -14.69
N PRO A 231 -17.17 22.07 -15.33
CA PRO A 231 -16.16 21.00 -15.35
C PRO A 231 -14.82 21.52 -15.83
N GLN A 232 -14.82 22.44 -16.75
CA GLN A 232 -13.57 22.92 -17.32
C GLN A 232 -12.58 23.47 -16.31
N VAL A 233 -13.10 24.14 -15.29
CA VAL A 233 -12.29 24.74 -14.23
C VAL A 233 -11.42 23.68 -13.54
N PHE A 234 -12.08 22.55 -13.35
CA PHE A 234 -11.42 21.41 -12.67
C PHE A 234 -10.46 20.71 -13.62
N LYS A 235 -10.93 20.47 -14.84
CA LYS A 235 -10.12 19.79 -15.85
C LYS A 235 -8.84 20.51 -16.17
N ASP A 236 -8.86 21.81 -16.00
CA ASP A 236 -7.72 22.71 -16.26
C ASP A 236 -6.62 22.42 -15.26
N ILE A 237 -7.05 21.88 -14.11
CA ILE A 237 -6.15 21.48 -13.03
C ILE A 237 -5.62 20.05 -13.29
N ASP A 238 -6.54 19.17 -13.57
CA ASP A 238 -6.19 17.75 -13.88
C ASP A 238 -7.39 17.17 -14.58
N SER A 239 -7.20 16.52 -15.70
CA SER A 239 -8.37 16.05 -16.51
C SER A 239 -9.28 15.10 -15.80
N ARG A 240 -8.80 14.41 -14.77
CA ARG A 240 -9.56 13.43 -14.02
C ARG A 240 -10.33 14.01 -12.85
N LEU A 241 -10.05 15.24 -12.47
CA LEU A 241 -10.54 15.74 -11.17
C LEU A 241 -12.03 15.82 -10.98
N PRO A 242 -12.81 16.39 -11.88
CA PRO A 242 -14.26 16.61 -11.63
C PRO A 242 -14.91 15.27 -11.44
N GLU A 243 -14.56 14.28 -12.27
CA GLU A 243 -15.18 12.94 -12.10
C GLU A 243 -14.70 12.27 -10.81
N LEU A 244 -13.46 12.51 -10.39
CA LEU A 244 -12.96 11.99 -9.11
C LEU A 244 -13.81 12.53 -7.95
N ILE A 245 -14.00 13.86 -7.95
CA ILE A 245 -14.80 14.51 -6.86
C ILE A 245 -16.18 13.90 -6.74
N GLN A 246 -16.82 13.75 -7.89
CA GLN A 246 -18.19 13.21 -7.97
C GLN A 246 -18.26 11.79 -7.49
N ARG A 247 -17.21 11.02 -7.82
CA ARG A 247 -17.16 9.60 -7.48
C ARG A 247 -17.04 9.41 -5.99
N LEU A 248 -16.12 10.19 -5.40
CA LEU A 248 -15.84 10.10 -3.94
C LEU A 248 -16.96 10.72 -3.12
N ASN A 249 -17.60 11.76 -3.62
CA ASN A 249 -18.78 12.32 -2.90
C ASN A 249 -19.92 11.29 -2.85
N LYS A 250 -20.02 10.47 -3.87
CA LYS A 250 -21.05 9.40 -3.87
C LYS A 250 -20.76 8.45 -2.71
N GLN A 251 -19.47 8.25 -2.38
CA GLN A 251 -19.11 7.33 -1.28
C GLN A 251 -19.16 7.95 0.08
N PHE A 252 -18.66 9.16 0.20
CA PHE A 252 -18.63 9.96 1.43
C PHE A 252 -19.18 11.34 1.23
N PRO A 253 -20.52 11.47 1.22
CA PRO A 253 -21.16 12.75 0.91
C PRO A 253 -20.68 13.85 1.84
N ASN A 254 -20.31 14.97 1.26
CA ASN A 254 -19.86 16.19 1.90
C ASN A 254 -18.71 16.03 2.87
N ASP A 255 -17.84 15.07 2.60
CA ASP A 255 -16.65 14.79 3.45
C ASP A 255 -15.59 15.83 3.22
N ILE A 256 -14.83 16.15 4.26
CA ILE A 256 -13.70 17.08 4.16
C ILE A 256 -12.65 16.53 3.20
N GLY A 257 -12.68 15.21 3.02
CA GLY A 257 -11.72 14.53 2.08
C GLY A 257 -11.84 15.07 0.68
N LEU A 258 -13.02 15.62 0.33
CA LEU A 258 -13.23 16.18 -1.03
C LEU A 258 -12.33 17.39 -1.21
N PHE A 259 -12.05 18.07 -0.10
CA PHE A 259 -11.12 19.19 -0.08
C PHE A 259 -9.68 18.71 0.13
N CYS A 260 -9.46 18.10 1.27
CA CYS A 260 -8.07 17.78 1.69
C CYS A 260 -7.48 16.60 0.92
N GLY A 261 -8.27 15.77 0.28
CA GLY A 261 -7.83 14.71 -0.61
C GLY A 261 -7.78 15.17 -2.07
N CYS A 262 -9.01 15.34 -2.61
CA CYS A 262 -9.10 15.72 -4.04
C CYS A 262 -8.38 16.96 -4.41
N LEU A 263 -8.42 18.05 -3.62
CA LEU A 263 -7.75 19.28 -4.05
C LEU A 263 -6.33 19.42 -3.59
N LEU A 264 -5.84 18.81 -2.55
CA LEU A 264 -4.51 19.04 -2.06
C LEU A 264 -3.48 17.90 -2.32
N LEU A 265 -3.95 16.73 -2.63
CA LEU A 265 -2.96 15.60 -2.78
C LEU A 265 -2.85 15.16 -4.24
N ASN A 266 -1.67 14.56 -4.51
CA ASN A 266 -1.45 13.94 -5.83
C ASN A 266 -2.44 12.81 -6.05
N HIS A 267 -3.06 12.80 -7.21
CA HIS A 267 -3.95 11.69 -7.64
C HIS A 267 -3.08 10.76 -8.51
N VAL A 268 -2.63 9.71 -7.88
CA VAL A 268 -1.66 8.76 -8.50
C VAL A 268 -2.37 7.55 -9.09
N GLY A 269 -2.00 7.27 -10.35
CA GLY A 269 -2.49 6.04 -11.05
C GLY A 269 -1.23 5.10 -11.16
N LEU A 270 -1.40 3.90 -10.69
CA LEU A 270 -0.33 2.89 -10.79
C LEU A 270 -0.80 1.86 -11.86
N ASN A 271 0.07 1.65 -12.83
CA ASN A 271 -0.15 0.57 -13.80
C ASN A 271 0.26 -0.74 -13.05
N LYS A 272 -0.29 -1.85 -13.54
CA LYS A 272 0.06 -3.11 -12.83
C LYS A 272 1.59 -3.28 -12.94
N GLY A 273 2.12 -3.69 -11.80
CA GLY A 273 3.57 -3.90 -11.67
C GLY A 273 4.25 -2.74 -11.07
N GLU A 274 3.64 -1.54 -11.07
CA GLU A 274 4.32 -0.38 -10.46
C GLU A 274 4.10 -0.36 -8.96
N ALA A 275 4.97 0.35 -8.25
CA ALA A 275 4.91 0.42 -6.80
C ALA A 275 5.01 1.84 -6.25
N MET A 276 4.53 1.94 -5.03
CA MET A 276 4.65 3.20 -4.23
C MET A 276 4.96 2.84 -2.78
N PHE A 277 5.90 3.60 -2.22
CA PHE A 277 6.29 3.40 -0.81
C PHE A 277 5.58 4.48 0.00
N LEU A 278 4.88 4.15 1.05
CA LEU A 278 4.17 5.16 1.88
C LEU A 278 5.07 5.46 3.08
N GLN A 279 5.88 6.50 2.96
CA GLN A 279 6.80 6.87 4.06
C GLN A 279 6.06 7.47 5.22
N ALA A 280 6.74 7.57 6.37
CA ALA A 280 6.10 8.21 7.56
C ALA A 280 5.78 9.67 7.31
N LYS A 281 4.71 10.18 7.93
CA LYS A 281 4.42 11.63 7.96
C LYS A 281 4.17 12.26 6.63
N ASP A 282 3.53 11.45 5.81
CA ASP A 282 3.15 11.75 4.41
C ASP A 282 1.74 11.23 4.16
N PRO A 283 0.83 12.12 3.76
CA PRO A 283 -0.57 11.77 3.57
C PRO A 283 -0.83 10.96 2.33
N HIS A 284 -1.75 10.01 2.42
CA HIS A 284 -2.06 9.10 1.31
C HIS A 284 -3.42 8.48 1.55
N ALA A 285 -3.99 7.90 0.53
CA ALA A 285 -5.22 7.10 0.64
C ALA A 285 -5.28 6.11 -0.52
N TYR A 286 -5.91 4.95 -0.28
CA TYR A 286 -6.18 4.02 -1.37
C TYR A 286 -7.61 4.32 -1.89
N ILE A 287 -7.71 4.51 -3.21
CA ILE A 287 -9.00 4.81 -3.85
C ILE A 287 -9.64 3.61 -4.48
N SER A 288 -8.88 2.84 -5.31
CA SER A 288 -9.50 1.72 -6.01
C SER A 288 -8.40 0.83 -6.63
N GLY A 289 -8.75 -0.42 -6.83
CA GLY A 289 -7.86 -1.37 -7.49
C GLY A 289 -7.55 -2.54 -6.59
N ASP A 290 -6.73 -3.43 -7.18
CA ASP A 290 -6.21 -4.62 -6.50
C ASP A 290 -4.67 -4.42 -6.35
N ILE A 291 -4.22 -4.55 -5.11
CA ILE A 291 -2.79 -4.37 -4.84
C ILE A 291 -2.26 -5.46 -3.91
N ILE A 292 -0.93 -5.59 -4.01
CA ILE A 292 -0.08 -6.28 -3.09
C ILE A 292 0.33 -5.21 -2.04
N GLU A 293 0.19 -5.51 -0.78
CA GLU A 293 0.60 -4.55 0.26
C GLU A 293 1.54 -5.20 1.28
N CYS A 294 2.61 -4.48 1.60
CA CYS A 294 3.53 -5.00 2.62
C CYS A 294 3.67 -3.94 3.68
N MET A 295 3.78 -4.35 4.95
CA MET A 295 3.91 -3.32 6.03
C MET A 295 4.50 -3.88 7.27
N ALA A 296 4.98 -3.05 8.15
CA ALA A 296 5.45 -3.40 9.51
C ALA A 296 4.22 -3.68 10.36
N ALA A 297 4.43 -4.32 11.53
CA ALA A 297 3.24 -4.48 12.44
C ALA A 297 2.99 -3.22 13.25
N SER A 298 2.07 -2.41 12.85
CA SER A 298 1.70 -1.22 13.69
C SER A 298 0.19 -1.12 13.39
N ASP A 299 -0.50 -0.42 14.14
CA ASP A 299 -1.84 0.02 14.07
C ASP A 299 -1.88 1.56 14.11
N ASN A 300 -0.74 2.19 14.28
CA ASN A 300 -0.68 3.67 14.38
C ASN A 300 -1.08 4.33 13.07
N VAL A 301 -2.21 5.02 13.15
CA VAL A 301 -2.74 5.74 12.00
C VAL A 301 -3.30 7.08 12.53
N VAL A 302 -2.94 8.11 11.78
CA VAL A 302 -3.53 9.44 12.00
C VAL A 302 -4.43 9.68 10.76
N ARG A 303 -5.72 9.95 10.95
CA ARG A 303 -6.67 10.07 9.86
C ARG A 303 -7.13 11.51 9.60
N ALA A 304 -7.32 11.81 8.32
CA ALA A 304 -7.72 13.14 7.89
C ALA A 304 -9.07 13.21 7.19
N GLY A 305 -9.61 12.15 6.65
CA GLY A 305 -10.90 12.24 5.94
C GLY A 305 -11.27 10.88 5.40
N PHE A 306 -12.44 10.84 4.75
CA PHE A 306 -13.02 9.58 4.23
C PHE A 306 -13.04 8.50 5.30
N THR A 307 -13.55 8.88 6.47
CA THR A 307 -13.66 7.97 7.61
C THR A 307 -14.66 8.39 8.64
N PRO A 308 -15.27 7.40 9.30
CA PRO A 308 -16.14 7.65 10.45
C PRO A 308 -15.36 7.73 11.75
N LYS A 309 -14.14 7.23 11.73
CA LYS A 309 -13.27 7.16 12.88
C LYS A 309 -12.75 8.56 13.27
N PHE A 310 -12.10 8.49 14.43
CA PHE A 310 -11.39 9.58 15.05
C PHE A 310 -10.35 10.18 14.11
N LYS A 311 -10.47 11.50 13.92
CA LYS A 311 -9.54 12.29 13.14
C LYS A 311 -8.73 13.18 14.08
N ASP A 312 -7.48 12.81 14.29
CA ASP A 312 -6.64 13.63 15.25
C ASP A 312 -5.97 14.75 14.52
N VAL A 313 -6.77 15.82 14.27
CA VAL A 313 -6.28 16.99 13.50
C VAL A 313 -5.10 17.65 14.14
N LYS A 314 -5.12 17.79 15.47
CA LYS A 314 -3.99 18.41 16.20
C LYS A 314 -2.66 17.76 15.80
N ASN A 315 -2.65 16.44 15.97
CA ASN A 315 -1.38 15.72 15.69
C ASN A 315 -1.05 15.72 14.18
N LEU A 316 -2.09 15.56 13.40
CA LEU A 316 -1.97 15.51 11.94
C LEU A 316 -1.21 16.71 11.44
N VAL A 317 -1.80 17.92 11.75
CA VAL A 317 -1.17 19.15 11.24
C VAL A 317 0.26 19.29 11.67
N GLU A 318 0.59 18.89 12.90
CA GLU A 318 1.98 19.07 13.33
C GLU A 318 2.98 18.04 12.85
N MET A 319 2.57 16.83 12.55
CA MET A 319 3.45 15.74 12.19
C MET A 319 3.86 15.73 10.73
N LEU A 320 3.07 16.25 9.82
CA LEU A 320 3.45 16.06 8.37
C LEU A 320 4.76 16.71 8.03
N THR A 321 5.43 16.16 7.01
CA THR A 321 6.70 16.71 6.49
C THR A 321 6.47 17.88 5.56
N TYR A 322 5.28 17.89 4.95
CA TYR A 322 4.82 18.92 4.02
C TYR A 322 5.68 18.98 2.76
N SER A 323 6.11 17.79 2.36
CA SER A 323 6.82 17.53 1.09
C SER A 323 5.92 17.79 -0.07
N TYR A 324 6.43 18.25 -1.23
CA TYR A 324 5.52 18.54 -2.37
C TYR A 324 6.10 18.14 -3.69
N GLU A 325 6.50 16.89 -3.83
CA GLU A 325 7.00 16.27 -5.06
C GLU A 325 5.87 15.82 -5.98
N SER A 326 6.16 15.71 -7.27
CA SER A 326 5.35 15.32 -8.34
C SER A 326 4.66 13.95 -8.13
N VAL A 327 3.66 13.74 -8.99
CA VAL A 327 3.01 12.40 -9.05
C VAL A 327 4.03 11.35 -9.44
N GLU A 328 4.94 11.74 -10.33
CA GLU A 328 5.96 10.82 -10.89
C GLU A 328 6.94 10.37 -9.85
N LYS A 329 7.22 11.25 -8.90
CA LYS A 329 8.13 10.99 -7.81
C LYS A 329 7.51 10.07 -6.76
N GLN A 330 6.23 9.78 -6.90
CA GLN A 330 5.54 8.96 -5.88
C GLN A 330 5.81 7.48 -6.13
N LYS A 331 6.23 7.14 -7.34
CA LYS A 331 6.48 5.75 -7.74
C LYS A 331 7.91 5.32 -7.46
N MET A 332 8.07 4.08 -7.05
CA MET A 332 9.40 3.52 -6.75
C MET A 332 10.18 3.17 -8.02
N PRO A 333 11.50 3.41 -7.92
CA PRO A 333 12.45 3.01 -8.93
C PRO A 333 12.60 1.49 -8.99
N LEU A 334 12.87 0.99 -10.19
CA LEU A 334 13.19 -0.43 -10.35
C LEU A 334 14.62 -0.67 -9.84
N GLN A 335 14.86 -1.69 -9.08
CA GLN A 335 16.27 -2.05 -8.67
C GLN A 335 16.56 -3.46 -9.26
N GLU A 336 17.83 -3.68 -9.56
CA GLU A 336 18.25 -5.05 -10.03
C GLU A 336 18.36 -5.94 -8.79
N PHE A 337 18.48 -7.25 -9.08
CA PHE A 337 18.58 -8.25 -8.03
C PHE A 337 19.59 -9.36 -8.46
N PRO A 338 20.85 -9.13 -8.11
CA PRO A 338 21.90 -10.06 -8.55
C PRO A 338 21.67 -11.48 -8.17
N ARG A 339 21.02 -11.80 -7.09
CA ARG A 339 20.89 -13.17 -6.59
C ARG A 339 19.77 -13.94 -7.27
N SER A 340 19.27 -13.42 -8.37
CA SER A 340 18.30 -14.12 -9.22
C SER A 340 18.81 -14.08 -10.65
N LYS A 341 18.74 -15.17 -11.36
CA LYS A 341 19.18 -15.32 -12.76
C LYS A 341 18.33 -16.25 -13.54
N GLY A 342 18.16 -15.93 -14.84
CA GLY A 342 17.41 -16.81 -15.73
C GLY A 342 16.68 -16.05 -16.84
N ASP A 343 15.58 -16.69 -17.25
CA ASP A 343 14.76 -16.30 -18.37
C ASP A 343 13.66 -15.23 -18.10
N ALA A 344 13.44 -14.89 -16.86
CA ALA A 344 12.39 -13.91 -16.53
C ALA A 344 12.65 -12.63 -17.30
N VAL A 345 11.59 -11.96 -17.80
CA VAL A 345 11.80 -10.70 -18.55
C VAL A 345 11.85 -9.51 -17.59
N LYS A 346 11.38 -9.71 -16.38
CA LYS A 346 11.38 -8.73 -15.30
C LYS A 346 11.75 -9.44 -13.98
N SER A 347 12.80 -8.93 -13.41
CA SER A 347 13.29 -9.43 -12.10
C SER A 347 13.75 -8.21 -11.35
N VAL A 348 12.79 -7.65 -10.58
CA VAL A 348 12.91 -6.38 -9.95
C VAL A 348 12.81 -6.41 -8.43
N LEU A 349 13.76 -5.70 -7.81
CA LEU A 349 13.77 -5.49 -6.39
C LEU A 349 13.09 -4.14 -6.08
N TYR A 350 12.14 -4.21 -5.18
CA TYR A 350 11.48 -3.04 -4.57
C TYR A 350 11.97 -3.00 -3.11
N ASP A 351 12.94 -2.15 -2.87
CA ASP A 351 13.66 -1.92 -1.68
C ASP A 351 13.28 -0.60 -1.01
N PRO A 352 12.45 -0.67 -0.07
CA PRO A 352 12.06 0.62 0.65
C PRO A 352 13.17 0.97 1.57
N PRO A 353 13.30 2.21 1.97
CA PRO A 353 14.36 2.63 2.89
C PRO A 353 14.05 2.35 4.32
N ILE A 354 13.50 1.20 4.61
CA ILE A 354 13.20 0.68 5.95
C ILE A 354 13.72 -0.78 6.06
N ALA A 355 13.75 -1.31 7.24
CA ALA A 355 14.33 -2.64 7.50
C ALA A 355 13.44 -3.83 7.43
N GLU A 356 12.14 -3.66 7.66
CA GLU A 356 11.22 -4.76 7.90
C GLU A 356 10.91 -5.67 6.74
N PHE A 357 11.14 -5.17 5.50
CA PHE A 357 10.74 -5.96 4.32
C PHE A 357 11.33 -5.36 3.04
N SER A 358 11.33 -6.21 2.06
CA SER A 358 11.71 -6.05 0.66
C SER A 358 10.77 -6.92 -0.17
N VAL A 359 10.55 -6.53 -1.44
CA VAL A 359 9.79 -7.41 -2.34
C VAL A 359 10.57 -7.64 -3.66
N LEU A 360 10.59 -8.89 -4.08
CA LEU A 360 11.12 -9.31 -5.36
C LEU A 360 9.97 -9.64 -6.34
N GLN A 361 10.00 -8.96 -7.46
CA GLN A 361 9.01 -9.17 -8.55
C GLN A 361 9.64 -10.00 -9.66
N THR A 362 9.01 -11.12 -10.02
CA THR A 362 9.54 -12.00 -11.07
C THR A 362 8.44 -12.22 -12.11
N ILE A 363 8.74 -11.82 -13.35
CA ILE A 363 7.78 -12.03 -14.45
C ILE A 363 8.45 -12.81 -15.61
N PHE A 364 7.72 -13.79 -16.07
CA PHE A 364 8.05 -14.56 -17.27
C PHE A 364 7.09 -14.15 -18.40
N ASP A 365 7.63 -14.05 -19.59
CA ASP A 365 6.81 -13.81 -20.80
C ASP A 365 5.92 -15.03 -20.98
N LYS A 366 4.63 -14.84 -21.24
CA LYS A 366 3.69 -15.93 -21.45
C LYS A 366 4.14 -16.83 -22.60
N SER A 367 4.79 -16.24 -23.57
CA SER A 367 5.22 -16.95 -24.78
C SER A 367 6.56 -17.63 -24.57
N LYS A 368 7.51 -16.88 -24.13
CA LYS A 368 8.88 -17.35 -23.90
C LYS A 368 8.98 -18.36 -22.80
N GLY A 369 8.24 -18.26 -21.72
CA GLY A 369 8.33 -19.22 -20.60
C GLY A 369 9.73 -19.14 -20.01
N GLY A 370 10.21 -20.28 -19.51
CA GLY A 370 11.61 -20.36 -19.02
C GLY A 370 11.70 -20.67 -17.56
N LYS A 371 12.94 -20.53 -17.06
CA LYS A 371 13.28 -20.79 -15.68
C LYS A 371 14.05 -19.63 -15.03
N GLN A 372 13.86 -19.56 -13.71
CA GLN A 372 14.63 -18.59 -12.91
C GLN A 372 15.10 -19.27 -11.65
N VAL A 373 16.37 -19.02 -11.29
CA VAL A 373 16.88 -19.56 -10.04
C VAL A 373 17.28 -18.39 -9.15
N ILE A 374 16.81 -18.54 -7.91
CA ILE A 374 17.10 -17.53 -6.88
C ILE A 374 17.90 -18.15 -5.76
N GLU A 375 19.01 -17.51 -5.42
CA GLU A 375 19.79 -17.99 -4.27
C GLU A 375 18.96 -17.99 -3.00
N GLY A 376 19.45 -18.80 -2.04
CA GLY A 376 18.93 -18.84 -0.68
C GLY A 376 19.14 -17.42 -0.09
N LEU A 377 18.05 -16.95 0.53
CA LEU A 377 18.04 -15.64 1.20
C LEU A 377 18.24 -15.82 2.69
N ASN A 378 18.80 -14.80 3.33
CA ASN A 378 19.05 -14.83 4.76
C ASN A 378 17.87 -14.37 5.60
N GLY A 379 16.72 -14.94 5.38
CA GLY A 379 15.52 -14.61 6.17
C GLY A 379 14.32 -15.31 5.49
N PRO A 380 13.22 -15.28 6.18
CA PRO A 380 11.97 -15.90 5.72
C PRO A 380 11.35 -15.10 4.56
N SER A 381 10.57 -15.82 3.75
CA SER A 381 9.89 -15.35 2.59
C SER A 381 8.49 -15.92 2.45
N ILE A 382 7.67 -15.07 1.81
CA ILE A 382 6.34 -15.52 1.38
C ILE A 382 6.25 -15.19 -0.16
N VAL A 383 5.88 -16.15 -0.93
CA VAL A 383 5.73 -16.00 -2.39
C VAL A 383 4.25 -16.18 -2.76
N ILE A 384 3.73 -15.20 -3.55
CA ILE A 384 2.36 -15.37 -4.08
C ILE A 384 2.42 -15.22 -5.60
N ALA A 385 1.72 -16.07 -6.31
CA ALA A 385 1.54 -15.95 -7.75
C ALA A 385 0.25 -15.10 -7.98
N THR A 386 0.40 -14.00 -8.67
CA THR A 386 -0.80 -13.13 -8.95
C THR A 386 -1.35 -13.37 -10.32
N ASN A 387 -0.55 -13.92 -11.23
CA ASN A 387 -0.93 -14.13 -12.61
C ASN A 387 -0.21 -15.40 -13.16
N GLY A 388 -0.94 -16.02 -14.10
CA GLY A 388 -0.38 -17.20 -14.78
C GLY A 388 -0.17 -18.35 -13.80
N LYS A 389 0.74 -19.26 -14.21
CA LYS A 389 1.01 -20.46 -13.48
C LYS A 389 2.38 -21.06 -13.89
N GLY A 390 2.92 -21.78 -12.97
CA GLY A 390 4.27 -22.39 -13.21
C GLY A 390 4.48 -23.42 -12.11
N THR A 391 5.79 -23.69 -11.88
CA THR A 391 6.16 -24.65 -10.84
C THR A 391 7.18 -23.96 -9.92
N ILE A 392 7.21 -24.44 -8.71
CA ILE A 392 8.20 -23.96 -7.74
C ILE A 392 8.84 -25.19 -7.07
N GLN A 393 10.13 -25.05 -6.81
CA GLN A 393 10.88 -26.11 -6.11
C GLN A 393 12.13 -25.50 -5.46
N ILE A 394 12.67 -26.38 -4.57
CA ILE A 394 14.03 -26.16 -4.03
C ILE A 394 14.97 -26.57 -5.17
N THR A 395 15.84 -25.66 -5.52
CA THR A 395 16.77 -25.85 -6.63
C THR A 395 17.46 -27.24 -6.47
N GLY A 396 17.38 -27.93 -7.59
CA GLY A 396 17.99 -29.22 -7.73
C GLY A 396 17.23 -30.31 -7.05
N ASP A 397 16.21 -30.08 -6.27
CA ASP A 397 15.50 -31.26 -5.64
C ASP A 397 14.12 -31.35 -6.26
N ASP A 398 13.99 -32.19 -7.27
CA ASP A 398 12.71 -32.40 -7.95
C ASP A 398 11.67 -33.01 -7.05
N SER A 399 12.04 -33.61 -5.92
CA SER A 399 10.96 -34.20 -5.06
C SER A 399 10.14 -33.06 -4.43
N THR A 400 10.68 -31.84 -4.56
CA THR A 400 9.94 -30.69 -3.95
C THR A 400 9.15 -29.92 -4.98
N LYS A 401 9.17 -30.37 -6.20
CA LYS A 401 8.54 -29.60 -7.32
C LYS A 401 7.03 -29.73 -7.25
N GLN A 402 6.46 -28.50 -7.09
CA GLN A 402 5.04 -28.27 -6.94
C GLN A 402 4.47 -27.23 -7.90
N LYS A 403 3.16 -27.41 -8.06
CA LYS A 403 2.31 -26.50 -8.84
C LYS A 403 2.17 -25.18 -8.07
N ILE A 404 2.40 -24.11 -8.81
CA ILE A 404 2.11 -22.74 -8.30
C ILE A 404 1.21 -22.05 -9.35
N ASP A 405 -0.07 -22.10 -9.03
CA ASP A 405 -1.10 -21.46 -9.89
C ASP A 405 -1.41 -20.07 -9.33
N THR A 406 -2.23 -19.34 -10.07
CA THR A 406 -2.64 -17.98 -9.61
C THR A 406 -3.34 -18.04 -8.27
N GLY A 407 -2.91 -17.18 -7.35
CA GLY A 407 -3.48 -17.21 -5.99
C GLY A 407 -2.82 -18.13 -5.04
N TYR A 408 -1.90 -19.00 -5.46
CA TYR A 408 -1.15 -19.91 -4.57
C TYR A 408 -0.10 -19.14 -3.79
N VAL A 409 0.08 -19.55 -2.53
CA VAL A 409 1.09 -18.83 -1.69
C VAL A 409 1.88 -19.91 -0.93
N PHE A 410 3.18 -19.59 -0.93
CA PHE A 410 4.17 -20.42 -0.35
C PHE A 410 5.02 -19.68 0.67
N PHE A 411 5.46 -20.47 1.65
CA PHE A 411 6.49 -20.09 2.61
C PHE A 411 7.85 -20.69 2.16
N VAL A 412 8.86 -19.84 2.20
CA VAL A 412 10.21 -20.28 1.83
C VAL A 412 11.15 -19.99 3.00
N ALA A 413 11.73 -21.10 3.55
CA ALA A 413 12.66 -20.92 4.66
C ALA A 413 13.92 -20.21 4.28
N PRO A 414 14.53 -19.57 5.31
CA PRO A 414 15.82 -18.89 5.10
C PRO A 414 16.84 -19.92 4.58
N GLY A 415 17.70 -19.53 3.66
CA GLY A 415 18.73 -20.33 3.08
C GLY A 415 18.30 -21.27 1.99
N SER A 416 17.02 -21.46 1.75
CA SER A 416 16.61 -22.38 0.63
C SER A 416 16.63 -21.69 -0.70
N SER A 417 17.31 -22.21 -1.68
CA SER A 417 17.36 -21.75 -3.07
C SER A 417 16.11 -22.32 -3.77
N ILE A 418 15.51 -21.45 -4.56
CA ILE A 418 14.28 -21.67 -5.30
C ILE A 418 14.46 -21.64 -6.78
N GLU A 419 13.79 -22.54 -7.50
CA GLU A 419 13.77 -22.54 -8.94
C GLU A 419 12.31 -22.46 -9.43
N LEU A 420 11.99 -21.47 -10.21
CA LEU A 420 10.66 -21.21 -10.79
C LEU A 420 10.72 -21.53 -12.29
N THR A 421 9.65 -22.13 -12.79
CA THR A 421 9.57 -22.38 -14.26
C THR A 421 8.14 -21.99 -14.67
N ALA A 422 8.06 -21.39 -15.82
CA ALA A 422 6.72 -20.88 -16.32
C ALA A 422 6.08 -22.00 -17.11
N ASP A 423 4.71 -22.06 -16.87
CA ASP A 423 3.93 -23.13 -17.42
C ASP A 423 4.19 -23.23 -18.96
N SER A 424 4.69 -24.40 -19.28
CA SER A 424 5.02 -24.66 -20.72
C SER A 424 3.77 -24.47 -21.57
N ALA A 425 2.73 -25.18 -21.24
CA ALA A 425 1.51 -25.30 -22.06
C ALA A 425 0.63 -24.07 -21.96
N ASN A 426 0.36 -23.66 -20.74
CA ASN A 426 -0.46 -22.52 -20.38
C ASN A 426 0.32 -21.22 -20.57
N GLN A 427 -0.23 -20.45 -21.51
CA GLN A 427 0.32 -19.19 -21.96
C GLN A 427 -0.70 -18.04 -22.05
N ASP A 428 -1.67 -18.05 -21.18
CA ASP A 428 -2.67 -17.01 -21.11
C ASP A 428 -2.09 -15.67 -20.72
N GLN A 429 -1.37 -15.73 -19.61
CA GLN A 429 -0.80 -14.58 -18.94
C GLN A 429 0.69 -14.83 -18.64
N ASP A 430 1.36 -13.74 -18.37
CA ASP A 430 2.77 -13.79 -17.92
C ASP A 430 2.78 -14.40 -16.52
N PHE A 431 3.52 -15.46 -16.31
CA PHE A 431 3.64 -16.01 -14.93
C PHE A 431 4.31 -14.99 -14.05
N THR A 432 3.58 -14.49 -13.07
CA THR A 432 3.99 -13.41 -12.18
C THR A 432 3.95 -13.75 -10.71
N THR A 433 5.10 -13.54 -10.01
CA THR A 433 5.16 -13.79 -8.57
C THR A 433 5.74 -12.61 -7.82
N TYR A 434 5.31 -12.50 -6.60
CA TYR A 434 5.81 -11.50 -5.66
C TYR A 434 6.30 -12.20 -4.42
N ARG A 435 7.53 -11.89 -4.06
CA ARG A 435 8.13 -12.52 -2.86
C ARG A 435 8.50 -11.46 -1.87
N ALA A 436 7.81 -11.48 -0.74
CA ALA A 436 8.10 -10.59 0.40
C ALA A 436 9.11 -11.27 1.30
N PHE A 437 10.16 -10.54 1.64
CA PHE A 437 11.18 -11.13 2.52
C PHE A 437 11.78 -10.06 3.38
N VAL A 438 12.66 -10.56 4.29
CA VAL A 438 13.48 -9.71 5.13
C VAL A 438 14.86 -10.43 5.40
N GLU A 439 15.83 -9.56 5.37
CA GLU A 439 17.20 -9.86 5.74
C GLU A 439 17.70 -8.73 6.67
N ALA A 440 18.36 -9.19 7.74
CA ALA A 440 19.00 -8.37 8.75
C ALA A 440 20.29 -7.72 8.16
#